data_5SV6
#
_entry.id   5SV6
#
_cell.length_a   37.127
_cell.length_b   63.761
_cell.length_c   99.246
_cell.angle_alpha   90.00
_cell.angle_beta   90.00
_cell.angle_gamma   90.00
#
_symmetry.space_group_name_H-M   'P 21 21 21'
#
loop_
_entity.id
_entity.type
_entity.pdbx_description
1 polymer 'Extracellular solute-binding protein, family 3'
2 non-polymer 'BROMIDE ION'
3 water water
#
_entity_poly.entity_id   1
_entity_poly.type   'polypeptide(L)'
_entity_poly.pdbx_seq_one_letter_code
;(MSE)GSSHHHHHHSSGLVPRGSH(MSE)R(MSE)LPSFLALLLGSGLAFNAQANTSTLKVCAASDE(MSE)PYSNKQQE
GFENQLAKILADT(MSE)DRELEFVWSDKAAIFLVTEKLLKNQCDVV(MSE)GVDKGDPRVATSDPYYKSGYAFIYPADK
GLDIKNWQSPALKD(MSE)SKFAIVPGSPSEV(MSE)LREIDKYEGNFNYT(MSE)SLIGFKSRRNQYVRYAPDLLVSEV
VSGKADIAHIWAPEAARYVKSASVPLK(MSE)VVSEEIAPTRDGEGVRQQFEQSIAVRSDDQELLKEINTALHKADPKIK
AVLKDEGIPLL
;
_entity_poly.pdbx_strand_id   A
#
loop_
_chem_comp.id
_chem_comp.type
_chem_comp.name
_chem_comp.formula
BR non-polymer 'BROMIDE ION' 'Br -1'
#
# COMPACT_ATOMS: atom_id res chain seq x y z
N THR A 46 -18.77 -16.37 12.69
CA THR A 46 -18.48 -15.48 11.57
C THR A 46 -17.22 -14.66 11.78
N LEU A 47 -16.58 -14.24 10.69
CA LEU A 47 -15.44 -13.34 10.77
C LEU A 47 -15.83 -11.99 10.20
N LYS A 48 -15.98 -10.99 11.06
CA LYS A 48 -16.39 -9.67 10.62
C LYS A 48 -15.18 -8.85 10.21
N VAL A 49 -15.05 -8.62 8.91
CA VAL A 49 -13.88 -7.93 8.36
C VAL A 49 -14.22 -6.51 7.96
N CYS A 50 -13.54 -5.54 8.58
CA CYS A 50 -13.65 -4.14 8.22
C CYS A 50 -13.01 -3.95 6.84
N ALA A 51 -13.74 -3.42 5.88
CA ALA A 51 -13.17 -3.21 4.53
C ALA A 51 -13.71 -1.98 3.83
N ALA A 52 -12.88 -1.41 2.97
CA ALA A 52 -13.23 -0.19 2.25
C ALA A 52 -14.07 -0.55 1.02
N SER A 53 -15.14 0.20 0.81
CA SER A 53 -16.00 -0.12 -0.34
C SER A 53 -15.45 0.41 -1.68
N ASP A 54 -14.40 1.22 -1.62
CA ASP A 54 -13.85 1.80 -2.85
C ASP A 54 -12.38 2.13 -2.70
N GLU A 55 -11.54 1.11 -2.58
CA GLU A 55 -10.11 1.36 -2.46
C GLU A 55 -9.28 0.30 -3.17
N MSE A 56 -9.47 0.20 -4.48
CA MSE A 56 -8.69 -0.72 -5.30
C MSE A 56 -7.24 -0.25 -5.26
O MSE A 56 -6.97 0.94 -5.12
CB MSE A 56 -9.25 -0.75 -6.73
CG MSE A 56 -10.61 -1.40 -6.82
SE MSE A 56 -10.57 -3.25 -6.18
CE MSE A 56 -9.99 -4.17 -7.81
N PRO A 57 -6.30 -1.20 -5.40
CA PRO A 57 -6.54 -2.62 -5.67
C PRO A 57 -6.76 -3.46 -4.42
N TYR A 58 -6.78 -2.83 -3.25
CA TYR A 58 -6.97 -3.56 -1.99
C TYR A 58 -8.35 -4.18 -1.87
N SER A 59 -9.39 -3.38 -2.13
CA SER A 59 -10.73 -3.72 -1.71
C SER A 59 -11.78 -2.89 -2.44
N ASN A 60 -12.91 -3.51 -2.76
CA ASN A 60 -14.13 -2.74 -3.09
C ASN A 60 -15.39 -3.53 -2.69
N LYS A 61 -16.55 -2.87 -2.75
CA LYS A 61 -17.78 -3.53 -2.32
C LYS A 61 -18.09 -4.76 -3.17
N GLN A 62 -17.54 -4.80 -4.38
CA GLN A 62 -17.75 -5.97 -5.26
C GLN A 62 -16.77 -7.11 -4.98
N GLN A 63 -15.94 -6.91 -3.95
CA GLN A 63 -15.00 -7.94 -3.49
C GLN A 63 -13.95 -8.28 -4.54
N GLU A 64 -13.60 -7.28 -5.34
CA GLU A 64 -12.64 -7.48 -6.44
C GLU A 64 -11.18 -7.18 -6.07
N GLY A 65 -10.96 -6.67 -4.85
CA GLY A 65 -9.63 -6.31 -4.42
C GLY A 65 -8.85 -7.51 -3.89
N PHE A 66 -7.52 -7.41 -3.85
CA PHE A 66 -6.70 -8.55 -3.40
C PHE A 66 -6.90 -8.88 -1.92
N GLU A 67 -7.16 -7.87 -1.09
CA GLU A 67 -7.45 -8.15 0.32
C GLU A 67 -8.82 -8.80 0.52
N ASN A 68 -9.74 -8.57 -0.42
CA ASN A 68 -11.04 -9.23 -0.34
C ASN A 68 -10.85 -10.75 -0.52
N GLN A 69 -9.98 -11.10 -1.46
CA GLN A 69 -9.61 -12.49 -1.69
C GLN A 69 -8.94 -13.09 -0.46
N LEU A 70 -8.03 -12.33 0.13
CA LEU A 70 -7.32 -12.79 1.32
C LEU A 70 -8.27 -13.03 2.48
N ALA A 71 -9.31 -12.18 2.57
CA ALA A 71 -10.28 -12.30 3.66
C ALA A 71 -11.06 -13.61 3.54
N LYS A 72 -11.39 -13.97 2.30
CA LYS A 72 -12.10 -15.21 2.03
C LYS A 72 -11.24 -16.43 2.44
N ILE A 73 -9.98 -16.43 2.03
CA ILE A 73 -9.04 -17.46 2.46
C ILE A 73 -8.96 -17.53 3.99
N LEU A 74 -8.81 -16.38 4.64
CA LEU A 74 -8.68 -16.37 6.11
C LEU A 74 -9.94 -16.92 6.79
N ALA A 75 -11.11 -16.52 6.32
CA ALA A 75 -12.36 -17.00 6.92
C ALA A 75 -12.58 -18.51 6.68
N ASP A 76 -12.33 -18.96 5.45
CA ASP A 76 -12.44 -20.38 5.11
C ASP A 76 -11.52 -21.23 5.99
N THR A 77 -10.29 -20.77 6.14
CA THR A 77 -9.29 -21.49 6.93
C THR A 77 -9.67 -21.60 8.40
N MSE A 78 -10.39 -20.59 8.90
CA MSE A 78 -10.84 -20.57 10.28
C MSE A 78 -12.20 -21.22 10.45
O MSE A 78 -12.75 -21.25 11.54
CB MSE A 78 -10.91 -19.12 10.80
CG MSE A 78 -9.58 -18.40 10.76
SE MSE A 78 -9.77 -16.51 11.19
CE MSE A 78 -10.06 -16.72 13.12
N ASP A 79 -12.74 -21.74 9.34
CA ASP A 79 -14.11 -22.30 9.33
C ASP A 79 -15.16 -21.30 9.81
N ARG A 80 -15.05 -20.06 9.36
CA ARG A 80 -16.05 -19.06 9.71
C ARG A 80 -16.74 -18.52 8.47
N GLU A 81 -17.96 -18.02 8.65
CA GLU A 81 -18.63 -17.32 7.58
C GLU A 81 -18.12 -15.89 7.49
N LEU A 82 -17.67 -15.49 6.31
CA LEU A 82 -17.13 -14.16 6.11
C LEU A 82 -18.25 -13.11 6.03
N GLU A 83 -18.12 -12.09 6.87
CA GLU A 83 -19.04 -10.96 6.86
C GLU A 83 -18.22 -9.67 6.70
N PHE A 84 -18.35 -9.00 5.56
CA PHE A 84 -17.72 -7.71 5.40
C PHE A 84 -18.54 -6.60 6.06
N VAL A 85 -17.83 -5.67 6.70
CA VAL A 85 -18.43 -4.44 7.18
C VAL A 85 -17.79 -3.33 6.39
N TRP A 86 -18.58 -2.71 5.51
CA TRP A 86 -18.06 -1.78 4.52
C TRP A 86 -17.99 -0.36 5.04
N SER A 87 -16.89 0.32 4.74
CA SER A 87 -16.72 1.72 5.06
C SER A 87 -16.67 2.55 3.78
N ASP A 88 -17.27 3.74 3.84
CA ASP A 88 -17.29 4.63 2.70
C ASP A 88 -16.09 5.54 2.72
N LYS A 89 -15.32 5.46 3.80
CA LYS A 89 -14.10 6.24 3.93
C LYS A 89 -12.91 5.46 3.36
N ALA A 90 -11.79 6.15 3.18
CA ALA A 90 -10.57 5.54 2.71
C ALA A 90 -10.13 4.47 3.70
N ALA A 91 -9.40 3.47 3.23
CA ALA A 91 -8.99 2.34 4.08
C ALA A 91 -8.12 2.78 5.27
N ILE A 92 -7.43 3.90 5.13
CA ILE A 92 -6.59 4.40 6.22
C ILE A 92 -7.41 4.68 7.50
N PHE A 93 -8.73 4.84 7.36
CA PHE A 93 -9.63 5.07 8.51
C PHE A 93 -10.29 3.82 9.09
N LEU A 94 -9.99 2.65 8.54
CA LEU A 94 -10.64 1.42 8.99
C LEU A 94 -10.36 1.10 10.45
N VAL A 95 -9.13 1.36 10.88
CA VAL A 95 -8.72 1.04 12.24
C VAL A 95 -9.46 1.93 13.24
N THR A 96 -9.41 3.24 13.02
CA THR A 96 -9.93 4.19 14.02
C THR A 96 -11.44 4.35 14.01
N GLU A 97 -12.08 4.20 12.85
CA GLU A 97 -13.52 4.45 12.77
C GLU A 97 -14.36 3.18 12.80
N LYS A 98 -13.74 2.03 12.57
CA LYS A 98 -14.50 0.79 12.54
C LYS A 98 -14.02 -0.21 13.60
N LEU A 99 -12.79 -0.69 13.44
CA LEU A 99 -12.24 -1.71 14.34
C LEU A 99 -12.24 -1.25 15.80
N LEU A 100 -11.64 -0.09 16.07
CA LEU A 100 -11.52 0.39 17.45
C LEU A 100 -12.85 0.86 18.03
N LYS A 101 -13.89 0.91 17.20
CA LYS A 101 -15.22 1.28 17.64
C LYS A 101 -16.17 0.09 17.65
N ASN A 102 -15.58 -1.11 17.56
CA ASN A 102 -16.32 -2.36 17.69
C ASN A 102 -17.36 -2.62 16.59
N GLN A 103 -17.15 -2.07 15.40
CA GLN A 103 -18.08 -2.27 14.29
C GLN A 103 -17.72 -3.52 13.51
N CYS A 104 -16.53 -4.05 13.79
CA CYS A 104 -16.00 -5.23 13.12
C CYS A 104 -14.70 -5.56 13.84
N ASP A 105 -14.12 -6.71 13.49
CA ASP A 105 -13.13 -7.35 14.35
C ASP A 105 -11.77 -7.52 13.72
N VAL A 106 -11.69 -7.36 12.40
CA VAL A 106 -10.45 -7.65 11.68
C VAL A 106 -10.18 -6.58 10.64
N VAL A 107 -8.95 -6.09 10.61
CA VAL A 107 -8.48 -5.27 9.49
C VAL A 107 -7.39 -6.03 8.74
N MSE A 108 -7.52 -6.12 7.41
CA MSE A 108 -6.70 -7.06 6.64
C MSE A 108 -5.21 -6.70 6.51
O MSE A 108 -4.37 -7.59 6.44
CB MSE A 108 -7.30 -7.31 5.25
CG MSE A 108 -8.63 -8.06 5.27
SE MSE A 108 -8.53 -9.78 6.22
CE MSE A 108 -7.18 -10.70 5.14
N GLY A 109 -4.89 -5.41 6.46
CA GLY A 109 -3.51 -5.01 6.29
C GLY A 109 -3.10 -3.75 7.01
N VAL A 110 -2.21 -3.88 8.00
CA VAL A 110 -1.56 -2.73 8.63
C VAL A 110 -0.08 -3.08 8.77
N ASP A 111 0.77 -2.08 9.05
CA ASP A 111 2.18 -2.37 9.33
C ASP A 111 2.26 -3.24 10.57
N LYS A 112 3.15 -4.23 10.55
CA LYS A 112 3.43 -5.03 11.75
C LYS A 112 3.78 -4.09 12.92
N GLY A 113 3.23 -4.35 14.10
CA GLY A 113 3.60 -3.58 15.27
C GLY A 113 2.94 -2.20 15.40
N ASP A 114 1.99 -1.89 14.52
CA ASP A 114 1.12 -0.72 14.65
C ASP A 114 0.67 -0.66 16.12
N PRO A 115 0.96 0.47 16.80
CA PRO A 115 0.74 0.61 18.25
C PRO A 115 -0.72 0.60 18.67
N ARG A 116 -1.61 0.82 17.72
CA ARG A 116 -3.02 1.03 18.01
C ARG A 116 -3.80 -0.26 18.21
N VAL A 117 -3.20 -1.36 17.81
CA VAL A 117 -3.91 -2.63 17.68
C VAL A 117 -2.99 -3.79 18.02
N ALA A 118 -3.52 -5.00 18.11
CA ALA A 118 -2.65 -6.17 18.10
C ALA A 118 -2.45 -6.60 16.64
N THR A 119 -1.23 -7.00 16.29
CA THR A 119 -0.96 -7.39 14.92
C THR A 119 -0.52 -8.86 14.85
N SER A 120 -0.95 -9.53 13.78
CA SER A 120 -0.62 -10.93 13.59
C SER A 120 0.84 -11.06 13.21
N ASP A 121 1.33 -12.30 13.16
CA ASP A 121 2.56 -12.58 12.44
C ASP A 121 2.42 -11.96 11.06
N PRO A 122 3.48 -11.31 10.56
CA PRO A 122 3.42 -10.72 9.22
C PRO A 122 3.14 -11.79 8.17
N TYR A 123 2.24 -11.52 7.21
CA TYR A 123 1.99 -12.52 6.18
C TYR A 123 2.63 -12.16 4.84
N TYR A 124 3.17 -10.94 4.76
CA TYR A 124 4.13 -10.61 3.71
C TYR A 124 4.93 -9.35 4.01
N LYS A 125 5.94 -9.11 3.20
CA LYS A 125 6.71 -7.88 3.29
C LYS A 125 6.87 -7.32 1.88
N SER A 126 6.65 -6.03 1.71
CA SER A 126 6.89 -5.42 0.41
C SER A 126 7.53 -4.05 0.62
N GLY A 127 7.68 -3.29 -0.45
CA GLY A 127 8.31 -1.99 -0.33
C GLY A 127 7.79 -0.97 -1.31
N TYR A 128 8.11 0.29 -1.05
CA TYR A 128 7.90 1.36 -2.01
C TYR A 128 8.84 1.09 -3.17
N ALA A 129 8.43 1.51 -4.37
CA ALA A 129 9.20 1.19 -5.58
C ALA A 129 9.22 2.35 -6.58
N PHE A 130 10.35 2.50 -7.26
CA PHE A 130 10.46 3.42 -8.40
C PHE A 130 9.81 2.81 -9.62
N ILE A 131 8.98 3.59 -10.29
CA ILE A 131 8.25 3.12 -11.45
C ILE A 131 8.48 4.10 -12.60
N TYR A 132 9.08 3.60 -13.69
CA TYR A 132 9.49 4.45 -14.80
C TYR A 132 9.48 3.68 -16.13
N PRO A 133 9.53 4.38 -17.27
CA PRO A 133 9.41 3.63 -18.53
C PRO A 133 10.62 2.74 -18.77
N ALA A 134 10.37 1.52 -19.23
CA ALA A 134 11.46 0.61 -19.54
C ALA A 134 12.04 1.02 -20.88
N ASP A 135 13.24 0.54 -21.17
CA ASP A 135 13.85 0.70 -22.49
C ASP A 135 14.17 2.16 -22.84
N LYS A 136 14.31 3.01 -21.83
CA LYS A 136 14.71 4.39 -22.05
C LYS A 136 16.10 4.63 -21.54
N GLY A 137 16.80 3.56 -21.20
CA GLY A 137 18.16 3.65 -20.69
C GLY A 137 18.28 4.37 -19.35
N LEU A 138 17.18 4.48 -18.61
CA LEU A 138 17.26 5.06 -17.28
C LEU A 138 17.93 4.15 -16.25
N ASP A 139 18.90 4.68 -15.52
CA ASP A 139 19.61 3.94 -14.47
C ASP A 139 19.09 4.37 -13.10
N ILE A 140 18.10 3.67 -12.56
CA ILE A 140 17.57 4.07 -11.25
C ILE A 140 17.42 2.90 -10.29
N LYS A 141 18.26 2.90 -9.25
CA LYS A 141 18.34 1.78 -8.33
C LYS A 141 17.90 2.19 -6.93
N ASN A 142 18.09 3.46 -6.60
CA ASN A 142 17.81 3.92 -5.25
C ASN A 142 17.77 5.43 -5.21
N TRP A 143 17.56 5.98 -4.01
CA TRP A 143 17.35 7.43 -3.87
C TRP A 143 18.60 8.28 -4.12
N GLN A 144 19.75 7.64 -4.16
CA GLN A 144 20.99 8.36 -4.46
C GLN A 144 21.36 8.35 -5.94
N SER A 145 20.51 7.76 -6.78
CA SER A 145 20.75 7.74 -8.22
CA SER A 145 20.75 7.73 -8.22
C SER A 145 20.81 9.13 -8.81
N PRO A 146 21.91 9.45 -9.50
CA PRO A 146 22.04 10.79 -10.11
C PRO A 146 20.95 11.09 -11.13
N ALA A 147 20.38 10.05 -11.75
CA ALA A 147 19.27 10.23 -12.69
C ALA A 147 18.08 10.99 -12.09
N LEU A 148 17.77 10.72 -10.83
CA LEU A 148 16.65 11.37 -10.16
C LEU A 148 16.85 12.89 -10.10
N LYS A 149 18.11 13.32 -10.06
CA LYS A 149 18.47 14.74 -10.03
C LYS A 149 18.11 15.50 -11.31
N ASP A 150 18.04 14.77 -12.42
CA ASP A 150 17.70 15.39 -13.69
C ASP A 150 16.18 15.43 -13.92
N MSE A 151 15.41 14.88 -12.97
CA MSE A 151 13.95 14.86 -13.12
C MSE A 151 13.28 15.96 -12.30
O MSE A 151 13.89 16.49 -11.36
CB MSE A 151 13.41 13.50 -12.72
CG MSE A 151 13.94 12.34 -13.55
SE MSE A 151 13.37 10.63 -12.83
CE MSE A 151 13.69 9.51 -14.40
N SER A 152 12.05 16.29 -12.65
CA SER A 152 11.31 17.37 -12.01
C SER A 152 9.89 16.98 -11.57
N LYS A 153 9.31 15.98 -12.23
CA LYS A 153 7.92 15.56 -11.96
C LYS A 153 7.87 14.17 -11.36
N PHE A 154 7.50 14.09 -10.09
CA PHE A 154 7.53 12.83 -9.34
C PHE A 154 6.11 12.47 -8.86
N ALA A 155 5.57 11.36 -9.33
CA ALA A 155 4.25 10.96 -8.84
C ALA A 155 4.40 10.22 -7.52
N ILE A 156 4.08 10.88 -6.41
CA ILE A 156 4.17 10.28 -5.08
C ILE A 156 2.96 10.57 -4.18
N VAL A 157 2.87 9.85 -3.08
CA VAL A 157 1.82 10.05 -2.09
C VAL A 157 2.36 10.85 -0.91
N PRO A 158 1.74 11.99 -0.60
CA PRO A 158 2.20 12.82 0.52
C PRO A 158 2.08 12.06 1.85
N GLY A 159 3.03 12.29 2.76
CA GLY A 159 3.03 11.61 4.04
C GLY A 159 3.67 10.24 4.02
N SER A 160 4.11 9.81 2.84
CA SER A 160 4.78 8.52 2.69
C SER A 160 6.30 8.73 2.76
N PRO A 161 7.09 7.64 2.89
CA PRO A 161 8.54 7.81 2.87
C PRO A 161 9.04 8.47 1.59
N SER A 162 8.26 8.37 0.51
CA SER A 162 8.56 9.06 -0.74
C SER A 162 8.72 10.55 -0.52
N GLU A 163 7.84 11.12 0.29
CA GLU A 163 7.90 12.56 0.57
C GLU A 163 9.17 12.90 1.33
N VAL A 164 9.47 12.13 2.38
CA VAL A 164 10.68 12.33 3.15
C VAL A 164 11.92 12.34 2.24
N MSE A 165 11.97 11.41 1.29
CA MSE A 165 13.14 11.30 0.42
C MSE A 165 13.18 12.36 -0.67
O MSE A 165 14.25 12.76 -1.12
CB MSE A 165 13.22 9.90 -0.19
CG MSE A 165 13.42 8.78 0.82
SE MSE A 165 14.86 9.21 2.09
CE MSE A 165 16.32 9.52 0.81
N LEU A 166 12.02 12.84 -1.10
CA LEU A 166 11.98 13.91 -2.09
C LEU A 166 12.54 15.20 -1.48
N ARG A 167 12.21 15.43 -0.22
CA ARG A 167 12.79 16.56 0.50
C ARG A 167 14.29 16.36 0.63
N GLU A 168 14.70 15.15 1.00
CA GLU A 168 16.10 14.82 1.14
C GLU A 168 16.93 15.17 -0.08
N ILE A 169 16.41 14.88 -1.28
CA ILE A 169 17.13 15.20 -2.51
C ILE A 169 16.74 16.55 -3.12
N ASP A 170 16.06 17.37 -2.33
CA ASP A 170 15.76 18.77 -2.70
C ASP A 170 14.88 18.92 -3.93
N LYS A 171 13.93 18.00 -4.11
CA LYS A 171 13.02 18.07 -5.25
C LYS A 171 11.59 18.29 -4.77
N TYR A 172 11.38 18.30 -3.46
CA TYR A 172 10.03 18.38 -2.91
C TYR A 172 9.31 19.68 -3.25
N GLU A 173 9.97 20.81 -3.04
CA GLU A 173 9.32 22.10 -3.29
C GLU A 173 8.92 22.28 -4.76
N GLY A 174 9.81 21.91 -5.67
CA GLY A 174 9.53 22.09 -7.09
C GLY A 174 8.52 21.11 -7.62
N ASN A 175 8.20 20.10 -6.82
CA ASN A 175 7.25 19.06 -7.23
C ASN A 175 5.90 19.19 -6.51
N PHE A 176 5.82 20.13 -5.58
CA PHE A 176 4.64 20.25 -4.73
C PHE A 176 3.35 20.51 -5.53
N ASN A 177 3.36 21.52 -6.40
CA ASN A 177 2.19 21.82 -7.20
C ASN A 177 1.73 20.62 -8.04
N TYR A 178 2.68 19.92 -8.66
CA TYR A 178 2.33 18.70 -9.39
C TYR A 178 1.64 17.65 -8.51
N THR A 179 2.21 17.37 -7.35
CA THR A 179 1.66 16.39 -6.41
C THR A 179 0.25 16.75 -5.93
N MSE A 180 0.05 18.04 -5.65
CA MSE A 180 -1.25 18.55 -5.20
C MSE A 180 -2.32 18.55 -6.30
O MSE A 180 -3.50 18.67 -6.01
CB MSE A 180 -1.10 19.96 -4.65
CG MSE A 180 -0.33 20.05 -3.37
SE MSE A 180 -1.06 18.90 -1.95
CE MSE A 180 0.25 17.46 -1.99
N SER A 181 -1.89 18.45 -7.56
CA SER A 181 -2.83 18.37 -8.68
C SER A 181 -3.36 16.94 -8.83
N LEU A 182 -2.73 16.00 -8.13
CA LEU A 182 -3.07 14.58 -8.25
C LEU A 182 -3.80 13.99 -7.04
N ILE A 183 -3.44 14.44 -5.84
CA ILE A 183 -3.92 13.80 -4.62
C ILE A 183 -5.12 14.57 -4.06
N GLY A 184 -6.17 13.85 -3.70
CA GLY A 184 -7.35 14.48 -3.15
C GLY A 184 -7.21 14.79 -1.68
N PHE A 185 -7.80 15.90 -1.24
CA PHE A 185 -7.87 16.21 0.19
C PHE A 185 -9.30 16.54 0.59
N LYS A 186 -9.58 16.43 1.88
CA LYS A 186 -10.92 16.72 2.39
C LYS A 186 -11.28 18.19 2.22
N SER A 187 -12.54 18.44 1.90
CA SER A 187 -13.09 19.79 1.80
C SER A 187 -14.58 19.66 2.04
N ARG A 188 -15.30 20.78 2.05
CA ARG A 188 -16.76 20.71 2.15
C ARG A 188 -17.35 19.92 0.99
N ARG A 189 -16.69 19.95 -0.17
CA ARG A 189 -17.22 19.27 -1.35
C ARG A 189 -16.68 17.84 -1.52
N ASN A 190 -15.75 17.46 -0.67
CA ASN A 190 -15.05 16.19 -0.83
C ASN A 190 -14.87 15.52 0.54
N GLN A 191 -15.99 15.03 1.08
CA GLN A 191 -16.01 14.48 2.43
C GLN A 191 -15.39 13.09 2.48
N TYR A 192 -15.55 12.34 1.40
CA TYR A 192 -14.94 11.02 1.28
C TYR A 192 -13.82 11.13 0.26
N VAL A 193 -12.59 11.14 0.76
CA VAL A 193 -11.43 11.41 -0.07
C VAL A 193 -10.87 10.10 -0.62
N ARG A 194 -11.15 9.80 -1.88
CA ARG A 194 -10.73 8.52 -2.45
C ARG A 194 -9.24 8.49 -2.87
N TYR A 195 -8.62 7.32 -2.67
CA TYR A 195 -7.23 7.07 -2.99
C TYR A 195 -7.18 6.25 -4.28
N ALA A 196 -6.58 6.80 -5.34
CA ALA A 196 -6.47 6.05 -6.60
C ALA A 196 -5.04 5.96 -7.13
N PRO A 197 -4.29 4.93 -6.71
CA PRO A 197 -2.89 4.78 -7.16
C PRO A 197 -2.75 4.50 -8.66
N ASP A 198 -3.80 3.97 -9.30
CA ASP A 198 -3.77 3.77 -10.74
C ASP A 198 -3.56 5.08 -11.52
N LEU A 199 -4.04 6.18 -10.96
CA LEU A 199 -3.76 7.50 -11.51
C LEU A 199 -2.25 7.79 -11.54
N LEU A 200 -1.56 7.47 -10.45
CA LEU A 200 -0.13 7.75 -10.38
C LEU A 200 0.66 6.91 -11.41
N VAL A 201 0.30 5.65 -11.57
CA VAL A 201 0.94 4.83 -12.60
C VAL A 201 0.66 5.40 -14.00
N SER A 202 -0.58 5.84 -14.20
CA SER A 202 -0.98 6.42 -15.48
C SER A 202 -0.18 7.66 -15.86
N GLU A 203 0.22 8.44 -14.86
CA GLU A 203 1.02 9.64 -15.07
C GLU A 203 2.40 9.29 -15.66
N VAL A 204 2.94 8.16 -15.24
CA VAL A 204 4.21 7.68 -15.81
C VAL A 204 4.00 7.20 -17.24
N VAL A 205 2.95 6.40 -17.45
CA VAL A 205 2.61 5.93 -18.79
C VAL A 205 2.44 7.10 -19.77
N SER A 206 1.82 8.18 -19.29
CA SER A 206 1.54 9.36 -20.12
C SER A 206 2.78 10.24 -20.29
N GLY A 207 3.77 10.07 -19.42
CA GLY A 207 4.96 10.89 -19.50
C GLY A 207 4.85 12.21 -18.75
N LYS A 208 3.69 12.47 -18.17
CA LYS A 208 3.49 13.66 -17.37
C LYS A 208 4.32 13.60 -16.10
N ALA A 209 4.53 12.38 -15.60
CA ALA A 209 5.48 12.18 -14.51
C ALA A 209 6.76 11.60 -15.07
N ASP A 210 7.90 12.12 -14.65
CA ASP A 210 9.18 11.49 -15.00
C ASP A 210 9.26 10.10 -14.35
N ILE A 211 8.63 9.96 -13.19
CA ILE A 211 8.78 8.75 -12.40
C ILE A 211 7.76 8.74 -11.26
N ALA A 212 7.43 7.55 -10.77
CA ALA A 212 6.59 7.44 -9.59
C ALA A 212 7.37 6.70 -8.53
N HIS A 213 7.02 6.94 -7.28
CA HIS A 213 7.56 6.15 -6.18
C HIS A 213 6.36 5.83 -5.31
N ILE A 214 5.96 4.56 -5.33
CA ILE A 214 4.65 4.13 -4.85
C ILE A 214 4.81 2.85 -4.07
N TRP A 215 4.01 2.68 -3.02
CA TRP A 215 3.93 1.41 -2.29
C TRP A 215 3.56 0.31 -3.29
N ALA A 216 4.43 -0.68 -3.44
CA ALA A 216 4.30 -1.64 -4.53
C ALA A 216 2.96 -2.41 -4.59
N PRO A 217 2.43 -2.87 -3.45
CA PRO A 217 1.13 -3.54 -3.54
C PRO A 217 0.01 -2.69 -4.15
N GLU A 218 0.08 -1.37 -3.99
CA GLU A 218 -0.89 -0.43 -4.56
C GLU A 218 -0.75 -0.29 -6.07
N ALA A 219 0.47 -0.47 -6.57
CA ALA A 219 0.76 -0.16 -7.96
C ALA A 219 0.81 -1.39 -8.86
N ALA A 220 1.06 -2.55 -8.25
CA ALA A 220 1.50 -3.74 -8.99
C ALA A 220 0.62 -4.16 -10.17
N ARG A 221 -0.69 -4.25 -9.96
CA ARG A 221 -1.56 -4.70 -11.04
C ARG A 221 -1.57 -3.71 -12.19
N TYR A 222 -1.42 -2.42 -11.88
CA TYR A 222 -1.47 -1.36 -12.89
C TYR A 222 -0.17 -1.26 -13.68
N VAL A 223 0.93 -1.60 -13.05
CA VAL A 223 2.20 -1.71 -13.75
C VAL A 223 2.14 -2.87 -14.76
N LYS A 224 1.58 -4.00 -14.34
CA LYS A 224 1.41 -5.12 -15.26
C LYS A 224 0.52 -4.79 -16.47
N SER A 225 -0.64 -4.19 -16.22
CA SER A 225 -1.56 -3.88 -17.30
C SER A 225 -1.23 -2.59 -18.07
N ALA A 226 -0.10 -1.97 -17.73
CA ALA A 226 0.31 -0.70 -18.33
C ALA A 226 0.34 -0.81 -19.85
N SER A 227 0.00 0.29 -20.53
CA SER A 227 -0.06 0.30 -21.99
C SER A 227 1.34 0.47 -22.60
N VAL A 228 2.30 0.93 -21.79
CA VAL A 228 3.70 0.93 -22.20
C VAL A 228 4.51 0.19 -21.15
N PRO A 229 5.59 -0.48 -21.58
CA PRO A 229 6.34 -1.31 -20.63
C PRO A 229 6.96 -0.46 -19.53
N LEU A 230 6.74 -0.84 -18.27
CA LEU A 230 7.29 -0.09 -17.15
C LEU A 230 8.24 -0.96 -16.35
N LYS A 231 9.20 -0.32 -15.71
CA LYS A 231 10.03 -0.99 -14.74
C LYS A 231 9.52 -0.63 -13.36
N MSE A 232 9.56 -1.60 -12.45
CA MSE A 232 9.24 -1.35 -11.05
C MSE A 232 10.39 -1.85 -10.17
O MSE A 232 10.60 -3.06 -10.02
CB MSE A 232 7.92 -2.02 -10.66
CG MSE A 232 7.47 -1.70 -9.24
SE MSE A 232 5.68 -2.38 -8.78
CE MSE A 232 6.00 -4.26 -9.16
N VAL A 233 11.16 -0.92 -9.63
CA VAL A 233 12.35 -1.26 -8.88
C VAL A 233 12.11 -0.99 -7.40
N VAL A 234 12.08 -2.04 -6.59
CA VAL A 234 11.80 -1.90 -5.17
C VAL A 234 12.95 -1.21 -4.43
N SER A 235 12.62 -0.24 -3.58
CA SER A 235 13.65 0.51 -2.84
C SER A 235 14.40 -0.38 -1.85
N GLU A 236 15.57 0.09 -1.43
CA GLU A 236 16.33 -0.54 -0.36
C GLU A 236 15.53 -0.43 0.94
N GLU A 237 15.76 -1.36 1.87
CA GLU A 237 14.98 -1.39 3.12
C GLU A 237 15.06 -0.08 3.89
N ILE A 238 16.26 0.45 4.06
CA ILE A 238 16.46 1.72 4.76
C ILE A 238 17.25 2.67 3.88
N ALA A 239 16.63 3.79 3.50
CA ALA A 239 17.32 4.80 2.71
C ALA A 239 18.04 5.80 3.61
N PRO A 240 19.34 6.01 3.34
CA PRO A 240 20.16 6.95 4.12
C PRO A 240 19.78 8.39 3.86
N THR A 241 19.96 9.24 4.86
CA THR A 241 19.78 10.69 4.69
C THR A 241 21.01 11.40 5.25
N ARG A 242 21.28 12.60 4.75
CA ARG A 242 22.51 13.30 5.15
C ARG A 242 22.48 13.75 6.61
N ASP A 243 21.38 14.35 7.02
CA ASP A 243 21.28 14.96 8.34
C ASP A 243 20.36 14.18 9.27
N GLY A 244 19.21 13.73 8.75
CA GLY A 244 18.25 12.97 9.53
C GLY A 244 18.72 11.56 9.88
N GLU A 245 17.78 10.62 9.95
CA GLU A 245 18.10 9.21 10.17
C GLU A 245 17.65 8.41 8.94
N GLY A 246 17.92 7.10 8.92
CA GLY A 246 17.55 6.29 7.79
C GLY A 246 16.03 6.18 7.65
N VAL A 247 15.54 6.22 6.42
CA VAL A 247 14.10 6.20 6.14
C VAL A 247 13.68 4.83 5.59
N ARG A 248 12.90 4.09 6.38
CA ARG A 248 12.43 2.76 6.00
C ARG A 248 11.56 2.80 4.75
N GLN A 249 11.82 1.92 3.79
CA GLN A 249 11.04 1.86 2.54
C GLN A 249 10.34 0.52 2.38
N GLN A 250 10.66 -0.42 3.26
CA GLN A 250 10.09 -1.78 3.20
C GLN A 250 9.37 -2.08 4.51
N PHE A 251 8.16 -2.66 4.42
CA PHE A 251 7.32 -2.84 5.60
C PHE A 251 6.67 -4.21 5.65
N GLU A 252 6.73 -4.86 6.81
CA GLU A 252 6.01 -6.11 7.03
C GLU A 252 4.53 -5.79 7.24
N GLN A 253 3.66 -6.59 6.65
CA GLN A 253 2.21 -6.36 6.76
C GLN A 253 1.53 -7.45 7.59
N SER A 254 0.59 -7.05 8.44
CA SER A 254 -0.11 -7.98 9.33
C SER A 254 -1.61 -7.75 9.34
N ILE A 255 -2.35 -8.77 9.78
CA ILE A 255 -3.77 -8.59 10.12
C ILE A 255 -3.83 -7.84 11.44
N ALA A 256 -4.84 -6.98 11.62
CA ALA A 256 -5.00 -6.27 12.89
C ALA A 256 -6.33 -6.62 13.56
N VAL A 257 -6.30 -6.79 14.87
CA VAL A 257 -7.52 -6.89 15.68
C VAL A 257 -7.35 -5.94 16.87
N ARG A 258 -8.42 -5.68 17.62
CA ARG A 258 -8.28 -4.88 18.85
C ARG A 258 -7.28 -5.54 19.81
N SER A 259 -6.56 -4.73 20.59
CA SER A 259 -5.49 -5.23 21.44
C SER A 259 -5.94 -6.30 22.45
N ASP A 260 -7.19 -6.21 22.87
CA ASP A 260 -7.72 -7.15 23.87
C ASP A 260 -8.24 -8.47 23.26
N ASP A 261 -8.28 -8.54 21.93
CA ASP A 261 -8.85 -9.70 21.24
C ASP A 261 -7.78 -10.75 21.01
N GLN A 262 -7.14 -11.17 22.10
CA GLN A 262 -5.99 -12.04 22.00
C GLN A 262 -6.36 -13.45 21.52
N GLU A 263 -7.53 -13.95 21.88
CA GLU A 263 -7.88 -15.30 21.47
C GLU A 263 -8.10 -15.35 19.96
N LEU A 264 -8.81 -14.34 19.45
CA LEU A 264 -8.99 -14.17 18.01
C LEU A 264 -7.64 -14.09 17.29
N LEU A 265 -6.73 -13.30 17.85
CA LEU A 265 -5.38 -13.16 17.29
C LEU A 265 -4.65 -14.51 17.16
N LYS A 266 -4.78 -15.36 18.18
CA LYS A 266 -4.18 -16.68 18.12
C LYS A 266 -4.76 -17.53 16.99
N GLU A 267 -6.08 -17.49 16.80
CA GLU A 267 -6.72 -18.24 15.72
C GLU A 267 -6.26 -17.72 14.36
N ILE A 268 -6.11 -16.42 14.27
CA ILE A 268 -5.65 -15.80 13.04
C ILE A 268 -4.22 -16.24 12.70
N ASN A 269 -3.33 -16.21 13.68
CA ASN A 269 -1.95 -16.63 13.45
C ASN A 269 -1.88 -18.09 12.99
N THR A 270 -2.71 -18.92 13.59
CA THR A 270 -2.76 -20.33 13.22
C THR A 270 -3.22 -20.46 11.78
N ALA A 271 -4.27 -19.72 11.42
CA ALA A 271 -4.82 -19.80 10.08
C ALA A 271 -3.84 -19.28 9.03
N LEU A 272 -3.17 -18.17 9.34
CA LEU A 272 -2.18 -17.57 8.44
C LEU A 272 -1.08 -18.56 8.08
N HIS A 273 -0.58 -19.25 9.08
CA HIS A 273 0.45 -20.25 8.82
C HIS A 273 -0.11 -21.38 7.95
N LYS A 274 -1.30 -21.86 8.30
CA LYS A 274 -1.94 -22.96 7.55
C LYS A 274 -2.19 -22.60 6.09
N ALA A 275 -2.66 -21.38 5.86
CA ALA A 275 -3.07 -20.97 4.53
C ALA A 275 -1.97 -20.24 3.77
N ASP A 276 -0.76 -20.26 4.31
CA ASP A 276 0.33 -19.48 3.73
C ASP A 276 0.52 -19.67 2.20
N PRO A 277 0.48 -20.93 1.70
CA PRO A 277 0.69 -21.04 0.26
C PRO A 277 -0.41 -20.33 -0.56
N LYS A 278 -1.66 -20.42 -0.12
CA LYS A 278 -2.78 -19.78 -0.82
C LYS A 278 -2.70 -18.26 -0.73
N ILE A 279 -2.33 -17.78 0.45
CA ILE A 279 -2.11 -16.34 0.70
C ILE A 279 -1.00 -15.79 -0.20
N LYS A 280 0.15 -16.45 -0.20
CA LYS A 280 1.24 -16.04 -1.08
C LYS A 280 0.86 -16.09 -2.56
N ALA A 281 0.04 -17.07 -2.93
CA ALA A 281 -0.38 -17.20 -4.34
C ALA A 281 -1.21 -16.02 -4.82
N VAL A 282 -2.14 -15.57 -3.99
CA VAL A 282 -2.94 -14.39 -4.30
C VAL A 282 -2.03 -13.17 -4.49
N LEU A 283 -1.09 -13.00 -3.56
CA LEU A 283 -0.22 -11.83 -3.60
C LEU A 283 0.66 -11.83 -4.84
N LYS A 284 1.17 -13.00 -5.17
CA LYS A 284 2.06 -13.17 -6.33
C LYS A 284 1.27 -12.96 -7.63
N ASP A 285 0.07 -13.51 -7.69
CA ASP A 285 -0.80 -13.33 -8.85
C ASP A 285 -1.11 -11.85 -9.08
N GLU A 286 -1.28 -11.11 -7.98
CA GLU A 286 -1.52 -9.69 -8.05
C GLU A 286 -0.33 -8.92 -8.64
N GLY A 287 0.87 -9.50 -8.54
CA GLY A 287 2.07 -8.88 -9.09
C GLY A 287 2.92 -8.19 -8.03
N ILE A 288 2.62 -8.49 -6.76
CA ILE A 288 3.27 -7.83 -5.64
C ILE A 288 4.65 -8.42 -5.39
N PRO A 289 5.69 -7.57 -5.32
CA PRO A 289 7.03 -8.02 -4.96
C PRO A 289 7.08 -8.42 -3.49
N LEU A 290 7.55 -9.63 -3.24
CA LEU A 290 7.56 -10.19 -1.91
C LEU A 290 8.97 -10.27 -1.38
N LEU A 291 9.19 -9.65 -0.22
CA LEU A 291 10.52 -9.54 0.34
C LEU A 291 10.71 -10.43 1.56
BR BR B . 16.06 3.37 -2.06
#